data_2RHW
#
_entry.id   2RHW
#
_cell.length_a   117.956
_cell.length_b   117.956
_cell.length_c   87.193
_cell.angle_alpha   90.00
_cell.angle_beta   90.00
_cell.angle_gamma   90.00
#
_symmetry.space_group_name_H-M   'I 41 2 2'
#
loop_
_entity.id
_entity.type
_entity.pdbx_description
1 polymer '2-hydroxy-6-oxo-6-phenylhexa-2,4-dienoate hydrolase'
2 non-polymer 'SODIUM ION'
3 non-polymer 'MALONATE ION'
4 non-polymer '3-fluoro-6-(4-fluorophenyl)-2-hydroxy-6-oxohexa-2,4-dienoic acid'
5 water water
#
_entity_poly.entity_id   1
_entity_poly.type   'polypeptide(L)'
_entity_poly.pdbx_seq_one_letter_code
;LTESSTSKFVKINEKGFSDFNIHYNEAGNGETVIMLHGGGPGAGGWSNYYRNVGPFVDAGYRVILKDSPGFNKSDAVVMD
EQRGLVNARAVKGLMDALDIDRAHLVGNAMGGATALNFALEYPDRIGKLILMGPGGLGPSMFAPMPMEGIKLLFKLYAEP
SYETLKQMLQVFLYDQSLITEELLQGRWEAIQRQPEHLKNFLISAQKAPLSTWDVTARLGEIKAKTFITWGRDDRFVPLD
HGLKLLWNIDDARLHVFSKCGHWAQWEHADEFNRLVIDFLRHA
;
_entity_poly.pdbx_strand_id   A
#
loop_
_chem_comp.id
_chem_comp.type
_chem_comp.name
_chem_comp.formula
C0E non-polymer '3-fluoro-6-(4-fluorophenyl)-2-hydroxy-6-oxohexa-2,4-dienoic acid' 'C12 H8 F2 O4'
MLI non-polymer 'MALONATE ION' 'C3 H2 O4 -2'
NA non-polymer 'SODIUM ION' 'Na 1'
#
# COMPACT_ATOMS: atom_id res chain seq x y z
N LEU A 1 16.04 14.32 -3.29
CA LEU A 1 15.96 12.83 -3.11
C LEU A 1 15.58 12.19 -4.43
N THR A 2 16.25 11.09 -4.74
CA THR A 2 15.93 10.33 -5.94
C THR A 2 15.81 8.86 -5.56
N GLU A 3 15.24 8.08 -6.46
CA GLU A 3 15.15 6.63 -6.27
C GLU A 3 16.54 6.06 -6.06
N SER A 4 17.48 6.43 -6.93
CA SER A 4 18.83 5.89 -6.88
CA SER A 4 18.83 5.88 -6.88
C SER A 4 19.56 6.25 -5.60
N SER A 5 19.45 7.51 -5.18
CA SER A 5 20.17 7.97 -3.98
C SER A 5 19.64 7.38 -2.66
N THR A 6 18.38 6.91 -2.69
CA THR A 6 17.73 6.40 -1.48
C THR A 6 17.67 4.88 -1.42
N SER A 7 18.02 4.24 -2.53
CA SER A 7 17.90 2.78 -2.69
C SER A 7 18.81 1.98 -1.77
N LYS A 8 18.22 0.99 -1.07
CA LYS A 8 18.93 0.10 -0.17
C LYS A 8 18.35 -1.29 -0.28
N PHE A 9 19.13 -2.31 0.09
CA PHE A 9 18.69 -3.71 0.16
C PHE A 9 19.02 -4.28 1.53
N VAL A 10 18.17 -5.19 2.02
CA VAL A 10 18.41 -5.87 3.28
C VAL A 10 17.84 -7.27 3.18
N LYS A 11 18.58 -8.25 3.70
CA LYS A 11 18.10 -9.62 3.73
C LYS A 11 17.32 -9.82 5.00
N ILE A 12 16.14 -10.44 4.88
CA ILE A 12 15.33 -10.70 6.06
C ILE A 12 15.19 -12.18 6.36
N ASN A 13 14.93 -12.47 7.64
CA ASN A 13 14.78 -13.80 8.15
C ASN A 13 13.67 -13.75 9.19
N GLU A 14 12.50 -14.26 8.80
CA GLU A 14 11.32 -14.20 9.66
C GLU A 14 10.31 -15.20 9.13
N LYS A 15 9.82 -16.05 10.03
CA LYS A 15 8.75 -17.02 9.76
C LYS A 15 8.42 -17.24 8.28
N GLY A 16 9.23 -18.07 7.62
CA GLY A 16 8.99 -18.43 6.23
C GLY A 16 9.99 -17.81 5.27
N PHE A 17 10.55 -16.68 5.67
CA PHE A 17 11.55 -15.96 4.86
C PHE A 17 12.94 -16.34 5.36
N SER A 18 13.79 -16.75 4.42
CA SER A 18 15.15 -17.15 4.74
C SER A 18 16.10 -16.44 3.77
N ASP A 19 16.94 -15.55 4.30
CA ASP A 19 17.87 -14.74 3.50
C ASP A 19 17.15 -14.16 2.28
N PHE A 20 16.00 -13.54 2.54
CA PHE A 20 15.12 -13.04 1.49
C PHE A 20 15.40 -11.57 1.26
N ASN A 21 15.66 -11.19 0.01
CA ASN A 21 16.07 -9.83 -0.28
C ASN A 21 14.87 -8.88 -0.38
N ILE A 22 14.93 -7.82 0.43
CA ILE A 22 13.93 -6.75 0.41
C ILE A 22 14.62 -5.47 -0.06
N HIS A 23 14.06 -4.85 -1.09
CA HIS A 23 14.49 -3.52 -1.50
C HIS A 23 13.64 -2.47 -0.82
N TYR A 24 14.25 -1.34 -0.45
CA TYR A 24 13.52 -0.21 0.13
C TYR A 24 14.25 1.08 -0.22
N ASN A 25 13.52 2.19 -0.16
CA ASN A 25 14.10 3.52 -0.34
C ASN A 25 14.01 4.24 0.98
N GLU A 26 15.13 4.75 1.46
CA GLU A 26 15.18 5.38 2.77
CA GLU A 26 15.19 5.38 2.78
C GLU A 26 15.69 6.81 2.68
N ALA A 27 15.06 7.72 3.41
CA ALA A 27 15.53 9.10 3.52
C ALA A 27 15.14 9.62 4.90
N GLY A 28 15.91 10.58 5.41
CA GLY A 28 15.60 11.13 6.72
C GLY A 28 16.18 10.27 7.83
N ASN A 29 16.04 10.73 9.07
CA ASN A 29 16.68 10.03 10.19
C ASN A 29 15.95 10.06 11.53
N GLY A 30 14.76 10.68 11.58
CA GLY A 30 13.97 10.76 12.81
C GLY A 30 13.14 9.50 13.05
N GLU A 31 11.99 9.65 13.70
CA GLU A 31 11.05 8.55 13.95
C GLU A 31 10.70 7.88 12.63
N THR A 32 10.68 6.55 12.64
CA THR A 32 10.49 5.79 11.40
C THR A 32 9.01 5.69 11.01
N VAL A 33 8.77 5.97 9.74
CA VAL A 33 7.46 5.76 9.10
C VAL A 33 7.72 4.81 7.93
N ILE A 34 7.07 3.65 7.92
CA ILE A 34 7.21 2.71 6.82
C ILE A 34 5.97 2.84 5.95
N MET A 35 6.17 3.10 4.67
CA MET A 35 5.07 3.25 3.73
C MET A 35 5.01 2.01 2.83
N LEU A 36 3.80 1.48 2.69
CA LEU A 36 3.55 0.16 2.09
C LEU A 36 2.61 0.31 0.89
N HIS A 37 3.04 -0.23 -0.26
CA HIS A 37 2.37 0.06 -1.53
C HIS A 37 1.26 -0.93 -1.87
N GLY A 38 0.47 -0.56 -2.88
CA GLY A 38 -0.60 -1.40 -3.39
C GLY A 38 -0.11 -2.55 -4.24
N GLY A 39 -1.06 -3.36 -4.70
CA GLY A 39 -0.71 -4.64 -5.33
C GLY A 39 -0.79 -4.68 -6.85
N GLY A 40 -0.87 -3.52 -7.50
CA GLY A 40 -0.98 -3.51 -8.95
C GLY A 40 0.31 -3.91 -9.65
N PRO A 41 0.21 -4.37 -10.91
CA PRO A 41 1.42 -4.78 -11.66
C PRO A 41 2.39 -3.61 -11.73
N GLY A 42 3.65 -3.85 -11.38
CA GLY A 42 4.69 -2.82 -11.45
C GLY A 42 4.75 -1.90 -10.23
N ALA A 43 3.90 -2.15 -9.24
CA ALA A 43 3.91 -1.32 -8.03
C ALA A 43 5.22 -1.43 -7.26
N GLY A 44 5.58 -0.37 -6.54
CA GLY A 44 6.74 -0.40 -5.67
C GLY A 44 6.73 0.79 -4.74
N GLY A 45 7.69 0.84 -3.82
CA GLY A 45 7.71 1.91 -2.81
C GLY A 45 7.92 3.29 -3.39
N TRP A 46 9.03 3.46 -4.11
CA TRP A 46 9.32 4.77 -4.68
C TRP A 46 8.22 5.27 -5.60
N SER A 47 7.81 4.44 -6.57
CA SER A 47 6.80 4.83 -7.54
C SER A 47 5.49 5.24 -6.88
N ASN A 48 5.13 4.58 -5.79
CA ASN A 48 3.85 4.87 -5.16
C ASN A 48 3.86 6.07 -4.21
N TYR A 49 5.04 6.42 -3.70
CA TYR A 49 5.15 7.38 -2.60
C TYR A 49 6.12 8.53 -2.85
N TYR A 50 6.60 8.67 -4.08
CA TYR A 50 7.62 9.71 -4.28
C TYR A 50 7.09 11.14 -4.06
N ARG A 51 5.76 11.35 -4.08
CA ARG A 51 5.21 12.70 -3.75
C ARG A 51 5.03 12.92 -2.25
N ASN A 52 5.34 11.89 -1.46
CA ASN A 52 5.17 11.94 -0.01
C ASN A 52 6.47 11.93 0.77
N VAL A 53 7.49 11.29 0.21
CA VAL A 53 8.73 11.08 0.96
C VAL A 53 9.38 12.40 1.40
N GLY A 54 9.45 13.37 0.49
CA GLY A 54 10.09 14.67 0.79
C GLY A 54 9.45 15.39 1.96
N PRO A 55 8.14 15.70 1.87
CA PRO A 55 7.50 16.39 3.00
C PRO A 55 7.56 15.66 4.35
N PHE A 56 7.49 14.32 4.35
CA PHE A 56 7.63 13.60 5.61
C PHE A 56 9.04 13.73 6.17
N VAL A 57 10.03 13.67 5.30
CA VAL A 57 11.43 13.83 5.71
C VAL A 57 11.65 15.25 6.26
N ASP A 58 11.11 16.24 5.54
CA ASP A 58 11.18 17.65 5.98
C ASP A 58 10.56 17.84 7.37
N ALA A 59 9.53 17.05 7.66
CA ALA A 59 8.84 17.10 8.94
C ALA A 59 9.60 16.41 10.05
N GLY A 60 10.68 15.74 9.69
CA GLY A 60 11.59 15.14 10.68
C GLY A 60 11.50 13.63 10.85
N TYR A 61 10.77 12.96 9.96
CA TYR A 61 10.66 11.51 10.01
C TYR A 61 11.72 10.83 9.16
N ARG A 62 12.06 9.60 9.53
CA ARG A 62 12.79 8.72 8.67
C ARG A 62 11.76 7.92 7.90
N VAL A 63 11.80 8.03 6.58
CA VAL A 63 10.82 7.39 5.72
C VAL A 63 11.44 6.17 5.06
N ILE A 64 10.76 5.03 5.15
CA ILE A 64 11.19 3.82 4.48
C ILE A 64 10.06 3.45 3.53
N LEU A 65 10.35 3.46 2.23
CA LEU A 65 9.39 3.05 1.20
C LEU A 65 9.74 1.62 0.83
N LYS A 66 8.96 0.68 1.35
CA LYS A 66 9.33 -0.73 1.26
C LYS A 66 8.74 -1.39 0.02
N ASP A 67 9.55 -2.18 -0.70
CA ASP A 67 9.00 -3.03 -1.75
C ASP A 67 8.53 -4.34 -1.13
N SER A 68 7.24 -4.65 -1.27
CA SER A 68 6.73 -5.89 -0.70
C SER A 68 7.30 -7.10 -1.47
N PRO A 69 7.35 -8.28 -0.81
CA PRO A 69 7.82 -9.48 -1.50
C PRO A 69 7.06 -9.69 -2.80
N GLY A 70 7.78 -10.05 -3.86
CA GLY A 70 7.13 -10.26 -5.13
C GLY A 70 6.76 -9.00 -5.89
N PHE A 71 7.36 -7.89 -5.48
CA PHE A 71 7.18 -6.61 -6.17
C PHE A 71 8.51 -5.89 -6.39
N ASN A 72 8.55 -5.17 -7.50
CA ASN A 72 9.68 -4.31 -7.85
C ASN A 72 11.01 -5.01 -7.59
N LYS A 73 11.87 -4.44 -6.76
CA LYS A 73 13.23 -4.96 -6.62
C LYS A 73 13.40 -5.92 -5.47
N SER A 74 12.30 -6.25 -4.77
CA SER A 74 12.39 -7.29 -3.76
C SER A 74 12.41 -8.66 -4.44
N ASP A 75 12.81 -9.68 -3.69
CA ASP A 75 12.88 -11.03 -4.27
C ASP A 75 11.51 -11.55 -4.75
N ALA A 76 11.56 -12.42 -5.75
CA ALA A 76 10.38 -13.10 -6.28
C ALA A 76 9.87 -14.10 -5.27
N VAL A 77 8.56 -14.31 -5.25
CA VAL A 77 7.96 -15.24 -4.27
C VAL A 77 6.58 -15.67 -4.73
N VAL A 78 6.23 -16.92 -4.43
CA VAL A 78 4.86 -17.40 -4.59
C VAL A 78 4.33 -17.61 -3.17
N MET A 79 3.20 -16.97 -2.87
CA MET A 79 2.63 -17.02 -1.53
C MET A 79 1.42 -17.97 -1.49
N ASP A 80 1.37 -18.81 -0.46
CA ASP A 80 0.20 -19.70 -0.29
C ASP A 80 -0.75 -19.25 0.82
N GLU A 81 -0.39 -18.16 1.50
CA GLU A 81 -1.24 -17.50 2.49
C GLU A 81 -1.63 -16.11 1.98
N GLN A 82 -2.66 -15.53 2.59
CA GLN A 82 -3.11 -14.19 2.20
C GLN A 82 -1.97 -13.18 2.29
N ARG A 83 -1.87 -12.31 1.27
CA ARG A 83 -0.68 -11.44 1.13
C ARG A 83 -0.52 -10.46 2.28
N GLY A 84 -1.62 -10.01 2.89
CA GLY A 84 -1.49 -9.05 3.97
C GLY A 84 -0.64 -9.56 5.13
N LEU A 85 -0.88 -10.81 5.50
CA LEU A 85 -0.17 -11.44 6.60
C LEU A 85 1.29 -11.73 6.23
N VAL A 86 1.50 -12.28 5.03
CA VAL A 86 2.86 -12.58 4.57
C VAL A 86 3.69 -11.30 4.46
N ASN A 87 3.08 -10.27 3.87
CA ASN A 87 3.74 -8.95 3.82
C ASN A 87 4.06 -8.38 5.20
N ALA A 88 3.17 -8.57 6.17
CA ALA A 88 3.41 -8.08 7.53
C ALA A 88 4.63 -8.75 8.15
N ARG A 89 4.78 -10.05 7.90
CA ARG A 89 5.95 -10.79 8.41
C ARG A 89 7.23 -10.19 7.82
N ALA A 90 7.14 -9.82 6.55
CA ALA A 90 8.29 -9.18 5.89
C ALA A 90 8.63 -7.79 6.47
N VAL A 91 7.61 -7.00 6.84
CA VAL A 91 7.86 -5.74 7.54
C VAL A 91 8.58 -5.99 8.87
N LYS A 92 8.10 -6.97 9.62
CA LYS A 92 8.72 -7.31 10.92
C LYS A 92 10.17 -7.72 10.67
N GLY A 93 10.39 -8.56 9.67
CA GLY A 93 11.75 -8.98 9.29
C GLY A 93 12.66 -7.80 8.96
N LEU A 94 12.12 -6.83 8.23
CA LEU A 94 12.90 -5.65 7.90
C LEU A 94 13.23 -4.84 9.15
N MET A 95 12.24 -4.64 10.02
CA MET A 95 12.46 -3.85 11.23
C MET A 95 13.49 -4.51 12.13
N ASP A 96 13.40 -5.82 12.28
CA ASP A 96 14.38 -6.54 13.10
C ASP A 96 15.79 -6.37 12.53
N ALA A 97 15.91 -6.51 11.21
CA ALA A 97 17.24 -6.38 10.54
C ALA A 97 17.83 -4.99 10.68
N LEU A 98 16.97 -3.97 10.70
CA LEU A 98 17.41 -2.58 10.78
C LEU A 98 17.42 -2.00 12.19
N ASP A 99 17.12 -2.84 13.18
CA ASP A 99 17.07 -2.43 14.59
C ASP A 99 16.07 -1.30 14.83
N ILE A 100 14.88 -1.45 14.26
CA ILE A 100 13.80 -0.48 14.47
C ILE A 100 12.82 -1.09 15.46
N ASP A 101 12.62 -0.42 16.60
CA ASP A 101 11.77 -0.92 17.67
C ASP A 101 10.27 -0.76 17.35
N ARG A 102 9.88 0.42 16.88
CA ARG A 102 8.49 0.70 16.62
C ARG A 102 8.45 1.52 15.34
N ALA A 103 7.45 1.30 14.51
CA ALA A 103 7.29 2.16 13.33
C ALA A 103 5.84 2.61 13.18
N HIS A 104 5.67 3.82 12.66
CA HIS A 104 4.35 4.22 12.15
C HIS A 104 4.20 3.57 10.79
N LEU A 105 2.99 3.09 10.47
CA LEU A 105 2.77 2.46 9.17
C LEU A 105 1.78 3.26 8.36
N VAL A 106 2.09 3.38 7.08
CA VAL A 106 1.18 4.01 6.11
C VAL A 106 0.96 2.96 5.05
N GLY A 107 -0.30 2.58 4.78
CA GLY A 107 -0.48 1.56 3.76
C GLY A 107 -1.69 1.81 2.88
N ASN A 108 -1.46 1.72 1.57
CA ASN A 108 -2.51 1.87 0.58
CA ASN A 108 -2.53 1.86 0.60
C ASN A 108 -2.88 0.50 0.00
N ALA A 109 -4.18 0.19 0.00
CA ALA A 109 -4.72 -1.01 -0.65
C ALA A 109 -4.06 -2.29 -0.11
N MET A 110 -3.34 -3.05 -0.94
CA MET A 110 -2.60 -4.20 -0.37
C MET A 110 -1.76 -3.80 0.83
N GLY A 111 -1.13 -2.63 0.71
CA GLY A 111 -0.32 -2.10 1.82
C GLY A 111 -1.13 -1.76 3.07
N GLY A 112 -2.39 -1.36 2.87
CA GLY A 112 -3.33 -1.19 4.00
C GLY A 112 -3.66 -2.50 4.67
N ALA A 113 -3.87 -3.55 3.88
CA ALA A 113 -4.07 -4.90 4.44
C ALA A 113 -2.80 -5.31 5.20
N THR A 114 -1.63 -5.08 4.60
CA THR A 114 -0.37 -5.39 5.29
C THR A 114 -0.30 -4.68 6.65
N ALA A 115 -0.60 -3.39 6.66
CA ALA A 115 -0.53 -2.62 7.88
C ALA A 115 -1.53 -3.11 8.95
N LEU A 116 -2.74 -3.49 8.54
CA LEU A 116 -3.72 -4.02 9.48
C LEU A 116 -3.21 -5.33 10.09
N ASN A 117 -2.69 -6.21 9.23
CA ASN A 117 -2.15 -7.48 9.72
C ASN A 117 -0.97 -7.27 10.67
N PHE A 118 -0.11 -6.32 10.34
CA PHE A 118 1.01 -5.99 11.21
C PHE A 118 0.52 -5.52 12.59
N ALA A 119 -0.45 -4.60 12.60
CA ALA A 119 -1.03 -4.12 13.86
C ALA A 119 -1.63 -5.26 14.70
N LEU A 120 -2.24 -6.23 14.03
CA LEU A 120 -2.85 -7.36 14.73
C LEU A 120 -1.81 -8.32 15.30
N GLU A 121 -0.79 -8.61 14.49
CA GLU A 121 0.20 -9.64 14.83
C GLU A 121 1.30 -9.13 15.75
N TYR A 122 1.68 -7.86 15.59
CA TYR A 122 2.79 -7.28 16.33
C TYR A 122 2.42 -5.94 16.99
N PRO A 123 1.42 -5.94 17.88
CA PRO A 123 0.95 -4.65 18.42
C PRO A 123 2.01 -3.83 19.16
N ASP A 124 3.03 -4.50 19.71
CA ASP A 124 4.06 -3.74 20.41
CA ASP A 124 4.15 -3.88 20.41
C ASP A 124 5.12 -3.13 19.49
N ARG A 125 4.99 -3.38 18.18
CA ARG A 125 5.98 -2.87 17.22
C ARG A 125 5.44 -1.72 16.35
N ILE A 126 4.19 -1.33 16.60
CA ILE A 126 3.57 -0.29 15.77
C ILE A 126 3.31 0.95 16.62
N GLY A 127 3.46 2.12 16.00
CA GLY A 127 3.09 3.39 16.59
C GLY A 127 1.68 3.69 16.13
N LYS A 128 1.56 4.63 15.21
CA LYS A 128 0.27 4.95 14.59
C LYS A 128 0.04 4.24 13.28
N LEU A 129 -1.21 4.14 12.86
CA LEU A 129 -1.61 3.39 11.70
C LEU A 129 -2.37 4.32 10.75
N ILE A 130 -1.89 4.42 9.52
CA ILE A 130 -2.50 5.24 8.47
CA ILE A 130 -2.54 5.23 8.49
C ILE A 130 -2.93 4.31 7.35
N LEU A 131 -4.22 4.29 7.02
CA LEU A 131 -4.76 3.35 6.04
C LEU A 131 -5.42 4.13 4.91
N MET A 132 -4.98 3.88 3.69
CA MET A 132 -5.57 4.51 2.51
CA MET A 132 -5.61 4.50 2.53
C MET A 132 -6.26 3.43 1.68
N GLY A 133 -7.59 3.35 1.75
CA GLY A 133 -8.32 2.34 0.98
C GLY A 133 -7.77 0.92 1.12
N PRO A 134 -7.64 0.40 2.35
CA PRO A 134 -7.12 -0.98 2.48
C PRO A 134 -7.97 -2.01 1.77
N GLY A 135 -7.33 -3.01 1.18
CA GLY A 135 -8.04 -4.06 0.42
C GLY A 135 -8.35 -5.29 1.23
N GLY A 136 -9.28 -6.11 0.72
CA GLY A 136 -9.51 -7.45 1.28
C GLY A 136 -10.42 -7.54 2.50
N LEU A 137 -11.20 -6.48 2.78
CA LEU A 137 -12.04 -6.44 3.98
C LEU A 137 -13.47 -6.99 3.75
N GLY A 138 -13.58 -7.98 2.87
CA GLY A 138 -14.84 -8.69 2.72
C GLY A 138 -15.77 -8.00 1.74
N PRO A 139 -17.05 -8.38 1.73
CA PRO A 139 -17.98 -7.78 0.80
C PRO A 139 -18.29 -6.33 1.12
N SER A 140 -18.71 -5.60 0.10
CA SER A 140 -19.27 -4.26 0.27
C SER A 140 -20.77 -4.38 0.47
N MET A 141 -21.36 -3.42 1.18
CA MET A 141 -22.83 -3.38 1.32
C MET A 141 -23.49 -2.80 0.08
N PHE A 142 -22.70 -2.20 -0.81
CA PHE A 142 -23.23 -1.50 -2.02
C PHE A 142 -22.57 -1.89 -3.33
N ALA A 143 -21.28 -2.16 -3.30
CA ALA A 143 -20.56 -2.36 -4.55
C ALA A 143 -20.54 -3.83 -4.98
N PRO A 144 -20.99 -4.13 -6.20
CA PRO A 144 -20.75 -5.47 -6.69
C PRO A 144 -19.26 -5.80 -6.73
N MET A 145 -18.92 -7.04 -6.39
CA MET A 145 -17.53 -7.49 -6.42
CA MET A 145 -17.52 -7.52 -6.36
C MET A 145 -17.34 -8.70 -7.32
N PRO A 146 -16.16 -8.82 -7.96
CA PRO A 146 -15.00 -7.92 -7.86
C PRO A 146 -15.27 -6.54 -8.43
N MET A 147 -14.66 -5.54 -7.80
CA MET A 147 -14.87 -4.19 -8.28
CA MET A 147 -14.74 -4.15 -8.23
C MET A 147 -14.20 -3.97 -9.65
N GLU A 148 -14.69 -2.95 -10.34
CA GLU A 148 -14.24 -2.61 -11.67
C GLU A 148 -12.70 -2.60 -11.76
N GLY A 149 -12.07 -1.91 -10.80
CA GLY A 149 -10.61 -1.78 -10.83
C GLY A 149 -9.89 -3.09 -10.66
N ILE A 150 -10.44 -3.96 -9.83
CA ILE A 150 -9.84 -5.25 -9.56
C ILE A 150 -9.86 -6.15 -10.81
N LYS A 151 -10.98 -6.12 -11.55
CA LYS A 151 -11.05 -6.84 -12.82
C LYS A 151 -9.95 -6.39 -13.76
N LEU A 152 -9.68 -5.08 -13.80
CA LEU A 152 -8.63 -4.56 -14.67
C LEU A 152 -7.25 -4.94 -14.20
N LEU A 153 -7.03 -4.94 -12.90
CA LEU A 153 -5.76 -5.36 -12.32
CA LEU A 153 -5.75 -5.37 -12.36
C LEU A 153 -5.46 -6.81 -12.73
N PHE A 154 -6.48 -7.68 -12.64
CA PHE A 154 -6.24 -9.08 -13.03
C PHE A 154 -6.01 -9.24 -14.54
N LYS A 155 -6.71 -8.45 -15.34
CA LYS A 155 -6.50 -8.46 -16.79
C LYS A 155 -5.05 -8.06 -17.11
N LEU A 156 -4.55 -7.02 -16.45
CA LEU A 156 -3.21 -6.52 -16.74
C LEU A 156 -2.14 -7.51 -16.26
N TYR A 157 -2.35 -8.16 -15.11
CA TYR A 157 -1.41 -9.19 -14.66
C TYR A 157 -1.31 -10.33 -15.65
N ALA A 158 -2.45 -10.76 -16.19
CA ALA A 158 -2.49 -11.96 -17.02
C ALA A 158 -2.11 -11.68 -18.46
N GLU A 159 -2.43 -10.48 -18.95
CA GLU A 159 -2.11 -10.09 -20.33
C GLU A 159 -1.57 -8.66 -20.37
N PRO A 160 -0.33 -8.47 -19.88
CA PRO A 160 0.25 -7.14 -19.82
C PRO A 160 0.45 -6.53 -21.20
N SER A 161 -0.05 -5.31 -21.34
CA SER A 161 0.12 -4.54 -22.55
C SER A 161 0.04 -3.07 -22.19
N TYR A 162 0.61 -2.26 -23.07
CA TYR A 162 0.63 -0.83 -22.88
C TYR A 162 -0.79 -0.27 -22.88
N GLU A 163 -1.63 -0.77 -23.78
CA GLU A 163 -3.03 -0.31 -23.87
C GLU A 163 -3.82 -0.67 -22.61
N THR A 164 -3.61 -1.88 -22.09
CA THR A 164 -4.35 -2.30 -20.90
C THR A 164 -3.87 -1.52 -19.68
N LEU A 165 -2.58 -1.23 -19.62
CA LEU A 165 -2.06 -0.36 -18.57
C LEU A 165 -2.76 1.00 -18.57
N LYS A 166 -2.88 1.61 -19.76
CA LYS A 166 -3.54 2.91 -19.91
C LYS A 166 -4.98 2.84 -19.42
N GLN A 167 -5.72 1.80 -19.83
CA GLN A 167 -7.09 1.58 -19.37
C GLN A 167 -7.16 1.50 -17.86
N MET A 168 -6.21 0.77 -17.24
CA MET A 168 -6.23 0.61 -15.80
CA MET A 168 -6.25 0.62 -15.78
C MET A 168 -5.98 1.96 -15.11
N LEU A 169 -4.99 2.71 -15.59
CA LEU A 169 -4.68 4.00 -14.98
C LEU A 169 -5.84 4.99 -15.10
N GLN A 170 -6.58 4.89 -16.19
CA GLN A 170 -7.78 5.74 -16.36
C GLN A 170 -8.85 5.48 -15.31
N VAL A 171 -8.98 4.24 -14.88
CA VAL A 171 -9.88 3.86 -13.80
C VAL A 171 -9.28 4.16 -12.42
N PHE A 172 -7.97 4.01 -12.30
CA PHE A 172 -7.21 4.18 -11.05
C PHE A 172 -7.25 5.63 -10.56
N LEU A 173 -7.19 6.59 -11.49
CA LEU A 173 -7.13 8.01 -11.16
C LEU A 173 -8.41 8.71 -11.53
N TYR A 174 -8.81 9.69 -10.72
CA TYR A 174 -9.99 10.49 -11.03
C TYR A 174 -9.68 11.52 -12.12
N ASP A 175 -8.66 12.33 -11.89
CA ASP A 175 -8.28 13.40 -12.86
C ASP A 175 -7.42 12.80 -13.97
N GLN A 176 -8.03 12.65 -15.15
CA GLN A 176 -7.33 12.11 -16.33
C GLN A 176 -6.09 12.88 -16.77
N SER A 177 -6.03 14.17 -16.44
CA SER A 177 -4.88 15.00 -16.81
C SER A 177 -3.63 14.68 -15.99
N LEU A 178 -3.75 13.77 -15.02
CA LEU A 178 -2.57 13.31 -14.30
C LEU A 178 -1.85 12.18 -15.03
N ILE A 179 -2.47 11.60 -16.05
CA ILE A 179 -1.86 10.49 -16.79
C ILE A 179 -0.95 11.04 -17.89
N THR A 180 0.28 11.34 -17.47
CA THR A 180 1.34 11.83 -18.35
C THR A 180 2.09 10.68 -19.01
N GLU A 181 2.83 11.01 -20.08
CA GLU A 181 3.73 10.04 -20.70
C GLU A 181 4.71 9.46 -19.68
N GLU A 182 5.20 10.32 -18.78
CA GLU A 182 6.13 9.90 -17.75
C GLU A 182 5.55 8.81 -16.86
N LEU A 183 4.31 9.00 -16.41
CA LEU A 183 3.62 8.02 -15.57
C LEU A 183 3.46 6.71 -16.33
N LEU A 184 2.98 6.79 -17.57
CA LEU A 184 2.72 5.60 -18.40
C LEU A 184 3.99 4.83 -18.71
N GLN A 185 5.01 5.56 -19.15
CA GLN A 185 6.29 4.97 -19.53
C GLN A 185 6.94 4.29 -18.33
N GLY A 186 6.82 4.92 -17.16
CA GLY A 186 7.45 4.43 -15.95
C GLY A 186 6.78 3.16 -15.49
N ARG A 187 5.45 3.17 -15.51
CA ARG A 187 4.70 2.00 -15.07
CA ARG A 187 4.69 2.00 -15.08
C ARG A 187 4.89 0.84 -16.03
N TRP A 188 4.96 1.15 -17.32
CA TRP A 188 5.21 0.14 -18.35
C TRP A 188 6.59 -0.49 -18.18
N GLU A 189 7.61 0.32 -17.89
CA GLU A 189 8.96 -0.21 -17.65
C GLU A 189 8.99 -1.20 -16.48
N ALA A 190 8.30 -0.88 -15.40
CA ALA A 190 8.33 -1.73 -14.22
C ALA A 190 7.64 -3.07 -14.49
N ILE A 191 6.62 -3.06 -15.35
CA ILE A 191 5.94 -4.29 -15.77
C ILE A 191 6.83 -5.13 -16.68
N GLN A 192 7.51 -4.48 -17.62
CA GLN A 192 8.41 -5.18 -18.56
C GLN A 192 9.62 -5.78 -17.87
N ARG A 193 10.05 -5.13 -16.80
CA ARG A 193 11.29 -5.50 -16.12
C ARG A 193 11.16 -6.78 -15.31
N GLN A 194 9.94 -7.07 -14.84
CA GLN A 194 9.76 -8.17 -13.90
C GLN A 194 8.59 -9.07 -14.29
N PRO A 195 8.67 -9.72 -15.46
CA PRO A 195 7.55 -10.58 -15.82
C PRO A 195 7.33 -11.74 -14.85
N GLU A 196 8.38 -12.23 -14.20
CA GLU A 196 8.22 -13.28 -13.21
C GLU A 196 7.32 -12.85 -12.03
N HIS A 197 7.43 -11.58 -11.60
CA HIS A 197 6.55 -11.11 -10.53
C HIS A 197 5.08 -11.22 -10.97
N LEU A 198 4.77 -10.94 -12.24
CA LEU A 198 3.38 -10.98 -12.74
C LEU A 198 2.83 -12.40 -12.65
N LYS A 199 3.60 -13.34 -13.17
CA LYS A 199 3.23 -14.75 -13.15
C LYS A 199 3.04 -15.26 -11.73
N ASN A 200 3.98 -14.93 -10.84
CA ASN A 200 3.92 -15.37 -9.45
C ASN A 200 2.74 -14.79 -8.69
N PHE A 201 2.38 -13.55 -9.01
CA PHE A 201 1.23 -12.93 -8.37
C PHE A 201 -0.05 -13.70 -8.66
N LEU A 202 -0.20 -14.11 -9.91
CA LEU A 202 -1.40 -14.82 -10.35
C LEU A 202 -1.48 -16.21 -9.72
N ILE A 203 -0.33 -16.87 -9.59
CA ILE A 203 -0.29 -18.17 -8.94
C ILE A 203 -0.68 -18.03 -7.46
N SER A 204 -0.15 -16.99 -6.83
CA SER A 204 -0.44 -16.70 -5.42
C SER A 204 -1.92 -16.43 -5.19
N ALA A 205 -2.55 -15.74 -6.14
CA ALA A 205 -3.95 -15.33 -6.00
C ALA A 205 -4.87 -16.55 -6.10
N GLN A 206 -4.46 -17.55 -6.88
CA GLN A 206 -5.21 -18.81 -6.95
C GLN A 206 -5.11 -19.60 -5.64
N LYS A 207 -3.94 -19.58 -5.01
CA LYS A 207 -3.73 -20.27 -3.74
C LYS A 207 -4.43 -19.61 -2.55
N ALA A 208 -4.55 -18.28 -2.57
CA ALA A 208 -5.16 -17.55 -1.46
C ALA A 208 -5.98 -16.39 -2.03
N PRO A 209 -7.25 -16.64 -2.35
CA PRO A 209 -8.10 -15.62 -2.93
C PRO A 209 -8.39 -14.46 -1.97
N LEU A 210 -8.91 -13.36 -2.51
CA LEU A 210 -9.15 -12.15 -1.72
C LEU A 210 -10.02 -12.42 -0.49
N SER A 211 -10.91 -13.40 -0.55
CA SER A 211 -11.74 -13.77 0.60
C SER A 211 -10.93 -14.20 1.83
N THR A 212 -9.72 -14.72 1.60
CA THR A 212 -8.85 -15.16 2.70
C THR A 212 -8.18 -13.99 3.44
N TRP A 213 -8.26 -12.80 2.84
CA TRP A 213 -7.61 -11.63 3.42
C TRP A 213 -8.43 -10.98 4.53
N ASP A 214 -9.70 -11.35 4.65
CA ASP A 214 -10.62 -10.58 5.50
C ASP A 214 -10.37 -10.74 6.99
N VAL A 215 -9.83 -9.67 7.60
CA VAL A 215 -9.51 -9.62 9.04
C VAL A 215 -10.53 -8.81 9.84
N THR A 216 -11.68 -8.54 9.22
CA THR A 216 -12.75 -7.75 9.85
C THR A 216 -13.02 -8.21 11.29
N ALA A 217 -13.15 -9.52 11.49
CA ALA A 217 -13.53 -10.05 12.80
C ALA A 217 -12.54 -9.71 13.91
N ARG A 218 -11.31 -9.34 13.52
CA ARG A 218 -10.28 -9.05 14.50
C ARG A 218 -10.01 -7.56 14.73
N LEU A 219 -10.75 -6.69 14.04
CA LEU A 219 -10.46 -5.25 14.11
C LEU A 219 -10.53 -4.65 15.52
N GLY A 220 -11.38 -5.23 16.38
CA GLY A 220 -11.48 -4.81 17.77
C GLY A 220 -10.21 -4.97 18.60
N GLU A 221 -9.25 -5.73 18.09
CA GLU A 221 -7.96 -5.90 18.76
C GLU A 221 -6.99 -4.73 18.57
N ILE A 222 -7.24 -3.91 17.55
CA ILE A 222 -6.30 -2.86 17.19
C ILE A 222 -6.35 -1.71 18.18
N LYS A 223 -5.21 -1.49 18.82
CA LYS A 223 -5.08 -0.46 19.84
C LYS A 223 -4.34 0.78 19.33
N ALA A 224 -3.75 0.68 18.14
CA ALA A 224 -3.10 1.83 17.50
C ALA A 224 -4.08 2.96 17.16
N LYS A 225 -3.68 4.20 17.39
CA LYS A 225 -4.45 5.33 16.87
C LYS A 225 -4.41 5.24 15.35
N THR A 226 -5.57 5.34 14.70
CA THR A 226 -5.68 5.02 13.28
C THR A 226 -6.32 6.17 12.52
N PHE A 227 -5.75 6.47 11.36
CA PHE A 227 -6.27 7.51 10.45
CA PHE A 227 -6.29 7.49 10.47
C PHE A 227 -6.61 6.81 9.14
N ILE A 228 -7.90 6.82 8.77
CA ILE A 228 -8.35 6.13 7.55
C ILE A 228 -8.62 7.17 6.50
N THR A 229 -8.08 6.98 5.28
CA THR A 229 -8.42 7.89 4.18
C THR A 229 -9.04 7.08 3.06
N TRP A 230 -9.91 7.73 2.30
CA TRP A 230 -10.53 7.10 1.14
C TRP A 230 -10.67 8.12 0.04
N GLY A 231 -10.50 7.67 -1.20
CA GLY A 231 -10.94 8.47 -2.35
C GLY A 231 -12.44 8.27 -2.56
N ARG A 232 -13.17 9.37 -2.68
CA ARG A 232 -14.63 9.30 -2.92
C ARG A 232 -14.91 8.47 -4.15
N ASP A 233 -13.99 8.55 -5.12
CA ASP A 233 -14.22 8.00 -6.45
C ASP A 233 -13.37 6.76 -6.71
N ASP A 234 -13.06 6.05 -5.63
CA ASP A 234 -12.25 4.82 -5.71
C ASP A 234 -13.06 3.67 -6.32
N ARG A 235 -12.58 3.17 -7.45
CA ARG A 235 -13.22 2.08 -8.20
C ARG A 235 -12.55 0.74 -7.95
N PHE A 236 -11.66 0.69 -6.95
CA PHE A 236 -10.89 -0.51 -6.61
C PHE A 236 -11.24 -1.10 -5.25
N VAL A 237 -11.51 -0.25 -4.26
CA VAL A 237 -11.93 -0.70 -2.95
CA VAL A 237 -11.86 -0.67 -2.89
C VAL A 237 -13.08 0.18 -2.50
N PRO A 238 -14.12 -0.44 -1.93
CA PRO A 238 -15.37 0.29 -1.77
C PRO A 238 -15.41 1.26 -0.60
N LEU A 239 -15.98 2.45 -0.85
CA LEU A 239 -16.08 3.52 0.14
C LEU A 239 -16.67 3.08 1.48
N ASP A 240 -17.66 2.18 1.46
CA ASP A 240 -18.26 1.74 2.70
C ASP A 240 -17.32 1.01 3.64
N HIS A 241 -16.23 0.45 3.11
CA HIS A 241 -15.18 -0.13 3.98
C HIS A 241 -14.49 0.90 4.87
N GLY A 242 -14.49 2.15 4.44
CA GLY A 242 -14.02 3.23 5.31
C GLY A 242 -14.89 3.30 6.57
N LEU A 243 -16.21 3.16 6.39
CA LEU A 243 -17.13 3.11 7.52
C LEU A 243 -16.94 1.87 8.38
N LYS A 244 -16.72 0.73 7.72
CA LYS A 244 -16.47 -0.52 8.45
C LYS A 244 -15.31 -0.36 9.41
N LEU A 245 -14.23 0.24 8.93
CA LEU A 245 -13.05 0.44 9.79
C LEU A 245 -13.35 1.42 10.90
N LEU A 246 -14.08 2.49 10.58
CA LEU A 246 -14.40 3.53 11.55
C LEU A 246 -15.25 3.02 12.71
N TRP A 247 -16.14 2.08 12.41
CA TRP A 247 -16.99 1.52 13.46
C TRP A 247 -16.34 0.42 14.27
N ASN A 248 -15.32 -0.23 13.70
CA ASN A 248 -14.76 -1.43 14.33
C ASN A 248 -13.41 -1.26 15.01
N ILE A 249 -12.67 -0.24 14.64
CA ILE A 249 -11.39 0.07 15.31
C ILE A 249 -11.67 1.07 16.41
N ASP A 250 -11.08 0.84 17.58
CA ASP A 250 -11.36 1.62 18.78
C ASP A 250 -11.13 3.12 18.58
N ASP A 251 -9.94 3.50 18.10
CA ASP A 251 -9.61 4.92 17.99
C ASP A 251 -9.25 5.27 16.56
N ALA A 252 -10.26 5.58 15.76
CA ALA A 252 -10.07 5.89 14.34
C ALA A 252 -10.74 7.21 13.95
N ARG A 253 -10.30 7.76 12.84
CA ARG A 253 -11.06 8.82 12.18
C ARG A 253 -11.00 8.53 10.69
N LEU A 254 -11.93 9.10 9.93
CA LEU A 254 -12.05 8.84 8.49
C LEU A 254 -12.05 10.15 7.74
N HIS A 255 -11.20 10.24 6.70
CA HIS A 255 -11.13 11.43 5.88
C HIS A 255 -11.35 10.99 4.45
N VAL A 256 -12.34 11.59 3.80
CA VAL A 256 -12.64 11.24 2.41
C VAL A 256 -12.38 12.44 1.48
N PHE A 257 -11.54 12.22 0.48
CA PHE A 257 -11.21 13.24 -0.50
C PHE A 257 -12.19 13.16 -1.66
N SER A 258 -12.73 14.30 -2.09
CA SER A 258 -13.53 14.35 -3.30
CA SER A 258 -13.53 14.33 -3.31
C SER A 258 -12.62 14.35 -4.52
N LYS A 259 -13.17 13.97 -5.68
CA LYS A 259 -12.41 13.97 -6.94
C LYS A 259 -11.09 13.22 -6.75
N CYS A 260 -11.18 11.96 -6.34
CA CYS A 260 -10.00 11.21 -5.96
C CYS A 260 -10.26 9.72 -6.19
N GLY A 261 -9.38 9.09 -6.96
CA GLY A 261 -9.40 7.63 -7.15
C GLY A 261 -8.69 6.83 -6.07
N HIS A 262 -7.99 5.77 -6.50
CA HIS A 262 -7.33 4.74 -5.67
CA HIS A 262 -7.37 4.86 -5.57
C HIS A 262 -5.88 5.08 -5.27
C HIS A 262 -5.86 5.07 -5.41
N TRP A 263 -5.43 6.31 -5.54
CA TRP A 263 -4.03 6.69 -5.24
C TRP A 263 -4.06 8.04 -4.54
N ALA A 264 -4.77 8.12 -3.42
CA ALA A 264 -5.02 9.39 -2.74
C ALA A 264 -3.76 10.12 -2.36
N GLN A 265 -2.73 9.38 -1.96
CA GLN A 265 -1.50 10.05 -1.52
C GLN A 265 -0.74 10.77 -2.65
N TRP A 266 -1.05 10.36 -3.87
CA TRP A 266 -0.50 10.99 -5.07
C TRP A 266 -1.46 12.00 -5.71
N GLU A 267 -2.75 11.66 -5.76
CA GLU A 267 -3.77 12.52 -6.36
CA GLU A 267 -3.75 12.52 -6.39
C GLU A 267 -4.04 13.78 -5.54
N HIS A 268 -3.96 13.63 -4.22
CA HIS A 268 -4.18 14.74 -3.28
C HIS A 268 -3.00 14.85 -2.33
N ALA A 269 -1.79 14.83 -2.90
CA ALA A 269 -0.57 14.77 -2.11
C ALA A 269 -0.43 15.88 -1.06
N ASP A 270 -0.71 17.12 -1.43
CA ASP A 270 -0.54 18.21 -0.46
C ASP A 270 -1.44 18.05 0.77
N GLU A 271 -2.74 17.81 0.54
CA GLU A 271 -3.67 17.64 1.65
CA GLU A 271 -3.70 17.61 1.62
C GLU A 271 -3.33 16.36 2.43
N PHE A 272 -3.06 15.26 1.72
CA PHE A 272 -2.65 14.02 2.39
C PHE A 272 -1.43 14.24 3.30
N ASN A 273 -0.38 14.86 2.77
CA ASN A 273 0.84 15.09 3.56
C ASN A 273 0.54 15.92 4.80
N ARG A 274 -0.20 17.02 4.63
CA ARG A 274 -0.53 17.88 5.78
CA ARG A 274 -0.49 17.86 5.79
C ARG A 274 -1.32 17.14 6.84
N LEU A 275 -2.35 16.41 6.43
CA LEU A 275 -3.20 15.70 7.38
C LEU A 275 -2.45 14.60 8.14
N VAL A 276 -1.67 13.81 7.41
CA VAL A 276 -0.98 12.68 8.01
C VAL A 276 0.18 13.14 8.91
N ILE A 277 0.95 14.13 8.46
CA ILE A 277 1.98 14.72 9.32
C ILE A 277 1.36 15.31 10.61
N ASP A 278 0.24 16.03 10.49
CA ASP A 278 -0.42 16.55 11.68
C ASP A 278 -0.89 15.44 12.62
N PHE A 279 -1.40 14.35 12.05
CA PHE A 279 -1.84 13.21 12.81
C PHE A 279 -0.67 12.59 13.59
N LEU A 280 0.45 12.37 12.91
CA LEU A 280 1.63 11.78 13.57
C LEU A 280 2.17 12.67 14.68
N ARG A 281 2.11 13.98 14.48
CA ARG A 281 2.58 14.96 15.46
C ARG A 281 1.67 15.12 16.67
N HIS A 282 0.36 15.15 16.44
CA HIS A 282 -0.55 15.65 17.47
C HIS A 282 -1.58 14.67 18.02
N ALA A 283 -1.89 13.61 17.28
CA ALA A 283 -2.95 12.71 17.71
C ALA A 283 -2.54 11.91 18.94
NA NA B . -1.81 17.95 -19.19
C1 MLI C . -1.46 14.58 -19.45
C2 MLI C . -2.86 14.92 -19.93
C3 MLI C . -0.41 15.30 -20.28
O6 MLI C . -3.51 14.04 -20.55
O7 MLI C . -3.32 16.07 -19.72
O8 MLI C . 0.22 14.69 -21.16
O9 MLI C . -0.23 16.52 -20.03
C1 MLI D . -3.93 -1.63 -6.54
C2 MLI D . -4.45 -2.44 -5.37
C3 MLI D . -2.89 -0.60 -6.12
O6 MLI D . -5.68 -2.63 -5.30
O7 MLI D . -3.64 -2.89 -4.53
O8 MLI D . -1.86 -0.49 -6.84
O9 MLI D . -3.11 0.09 -5.11
OA2 C0E E . -2.25 1.15 -5.60
CA1 C0E E . -1.64 0.48 -6.46
OA1 C0E E . -0.40 0.51 -6.56
CA2 C0E E . -2.38 -0.35 -7.41
OA3 C0E E . -1.95 -0.40 -8.67
CA3 C0E E . -3.47 -1.05 -7.07
FA3 C0E E . -4.38 -1.33 -8.02
CA4 C0E E . -3.72 -1.52 -5.70
CA5 C0E E . -4.77 -2.31 -5.42
CA6 C0E E . -4.67 -3.30 -4.34
OA4 C0E E . -3.61 -3.45 -3.77
CB1 C0E E . -5.84 -4.11 -3.90
CB6 C0E E . -5.62 -5.21 -3.08
CB2 C0E E . -7.14 -3.68 -4.17
CB3 C0E E . -8.22 -4.38 -3.62
CB4 C0E E . -7.99 -5.48 -2.79
FB4 C0E E . -9.04 -6.13 -2.26
CB5 C0E E . -6.69 -5.90 -2.52
#